data_4KAZ
#
_entry.id   4KAZ
#
_cell.length_a   60.675
_cell.length_b   90.580
_cell.length_c   46.621
_cell.angle_alpha   90.00
_cell.angle_beta   90.00
_cell.angle_gamma   90.00
#
_symmetry.space_group_name_H-M   'P 21 21 2'
#
loop_
_entity.id
_entity.type
_entity.pdbx_description
1 polymer 'Ribonuclease T'
2 polymer "DNA (5'-D(*TP*TP*GP*GP*CP*CP*CP*TP*CP*TP*TP*TP*AP*GP*GP*GP*CP*CP*CP*C)-3')"
3 non-polymer 'MAGNESIUM ION'
4 water water
#
loop_
_entity_poly.entity_id
_entity_poly.type
_entity_poly.pdbx_seq_one_letter_code
_entity_poly.pdbx_strand_id
1 'polypeptide(L)'
;MGSSHHHHHHSSGLVPRGSHMSDNAQLTGLCDRFRGFYPVVIDVETAGFNAKTDALLEIAAITLKMDEQGWLMPDTTLHF
HVEPFVGANLQPEALAFNGIDPNDPDRGAVSEYEALHEIFKVVRKGIKASGCNRAIMVAHNANFDHSFMMAAAERASLKR
NPFHPFATFDTAALAGLALGQTVLSKACQTAGMDFDSTQAHSALYDTERTAVLFCEIVNRWKRLGGWPLSAAEEV
;
A
2 'polydeoxyribonucleotide' (DT)(DT)(DG)(DG)(DC)(DC)(DC)(DT)(DC)(DT)(DT)(DT)(DA)(DG)(DG)(DG)(DC)(DC)(DC)(DC) B
#
# COMPACT_ATOMS: atom_id res chain seq x y z
N THR A 28 12.52 -6.23 -19.58
CA THR A 28 12.30 -6.83 -18.27
C THR A 28 12.44 -5.81 -17.13
N GLY A 29 12.35 -4.53 -17.46
CA GLY A 29 12.43 -3.48 -16.47
C GLY A 29 11.09 -3.20 -15.80
N LEU A 30 11.13 -2.75 -14.56
CA LEU A 30 9.90 -2.37 -13.86
C LEU A 30 9.05 -1.43 -14.71
N CYS A 31 9.69 -0.50 -15.42
CA CYS A 31 8.96 0.50 -16.20
C CYS A 31 8.22 -0.10 -17.39
N ASP A 32 8.59 -1.31 -17.79
CA ASP A 32 7.90 -2.00 -18.88
C ASP A 32 6.80 -2.93 -18.39
N ARG A 33 6.72 -3.15 -17.08
CA ARG A 33 5.82 -4.17 -16.54
C ARG A 33 4.36 -3.71 -16.44
N PHE A 34 4.17 -2.45 -16.03
CA PHE A 34 2.85 -1.90 -15.75
C PHE A 34 2.65 -0.56 -16.49
N ARG A 35 2.95 -0.55 -17.79
CA ARG A 35 2.89 0.63 -18.66
C ARG A 35 3.43 1.93 -18.04
N GLY A 36 4.55 1.82 -17.33
CA GLY A 36 5.18 2.97 -16.73
C GLY A 36 4.68 3.33 -15.34
N PHE A 37 3.73 2.56 -14.81
CA PHE A 37 3.30 2.79 -13.42
C PHE A 37 4.30 2.18 -12.46
N TYR A 38 4.62 2.93 -11.42
CA TYR A 38 5.52 2.52 -10.35
C TYR A 38 4.66 2.08 -9.16
N PRO A 39 4.55 0.75 -8.94
CA PRO A 39 3.62 0.23 -7.93
C PRO A 39 4.13 0.39 -6.50
N VAL A 40 3.33 1.01 -5.64
CA VAL A 40 3.73 1.25 -4.27
C VAL A 40 2.69 0.67 -3.33
N VAL A 41 3.12 -0.21 -2.43
CA VAL A 41 2.16 -0.85 -1.56
C VAL A 41 1.83 0.03 -0.37
N ILE A 42 0.54 0.22 -0.08
CA ILE A 42 0.10 1.11 1.02
C ILE A 42 -0.92 0.41 1.92
N ASP A 43 -0.78 0.61 3.23
CA ASP A 43 -1.85 0.27 4.13
C ASP A 43 -1.98 1.42 5.12
N VAL A 44 -3.21 1.75 5.45
CA VAL A 44 -3.48 2.79 6.44
C VAL A 44 -4.25 2.17 7.58
N GLU A 45 -4.15 2.80 8.75
CA GLU A 45 -5.03 2.49 9.87
C GLU A 45 -5.71 3.81 10.20
N THR A 46 -6.98 3.72 10.58
CA THR A 46 -7.85 4.88 10.57
C THR A 46 -8.72 4.82 11.81
N ALA A 47 -9.43 5.91 12.07
CA ALA A 47 -10.40 5.94 13.14
C ALA A 47 -11.81 5.77 12.59
N GLY A 48 -11.94 5.10 11.46
CA GLY A 48 -13.26 4.85 10.90
C GLY A 48 -13.25 4.53 9.41
N PHE A 49 -14.43 4.43 8.82
CA PHE A 49 -14.57 4.08 7.40
C PHE A 49 -14.66 5.26 6.43
N ASN A 50 -14.88 6.47 6.96
CA ASN A 50 -15.06 7.63 6.08
C ASN A 50 -13.79 8.46 5.89
N ALA A 51 -13.23 8.43 4.69
CA ALA A 51 -11.95 9.11 4.45
C ALA A 51 -12.00 10.62 4.74
N LYS A 52 -13.15 11.22 4.50
CA LYS A 52 -13.31 12.66 4.64
C LYS A 52 -13.47 13.14 6.09
N THR A 53 -14.04 12.30 6.95
CA THR A 53 -14.38 12.74 8.30
C THR A 53 -13.59 12.05 9.42
N ASP A 54 -13.00 10.88 9.12
CA ASP A 54 -12.34 10.10 10.16
C ASP A 54 -10.82 10.22 10.09
N ALA A 55 -10.18 10.22 11.25
CA ALA A 55 -8.74 10.41 11.34
C ALA A 55 -7.96 9.31 10.64
N LEU A 56 -6.91 9.73 9.93
CA LEU A 56 -5.85 8.82 9.50
C LEU A 56 -4.88 8.73 10.68
N LEU A 57 -4.55 7.52 11.12
CA LEU A 57 -3.75 7.34 12.34
C LEU A 57 -2.37 6.74 12.06
N GLU A 58 -2.27 6.01 10.96
CA GLU A 58 -1.04 5.28 10.68
C GLU A 58 -0.98 5.03 9.16
N ILE A 59 0.22 5.10 8.60
CA ILE A 59 0.41 4.74 7.21
C ILE A 59 1.77 4.08 7.02
N ALA A 60 1.82 3.03 6.20
CA ALA A 60 3.10 2.45 5.80
C ALA A 60 3.15 2.34 4.27
N ALA A 61 4.34 2.46 3.69
CA ALA A 61 4.51 2.39 2.25
C ALA A 61 5.71 1.52 1.92
N ILE A 62 5.57 0.66 0.91
CA ILE A 62 6.68 -0.23 0.48
C ILE A 62 6.79 -0.11 -1.02
N THR A 63 7.91 0.41 -1.49
CA THR A 63 8.13 0.47 -2.92
C THR A 63 8.64 -0.89 -3.38
N LEU A 64 8.64 -1.12 -4.69
CA LEU A 64 9.03 -2.41 -5.24
C LEU A 64 10.15 -2.25 -6.25
N LYS A 65 10.85 -3.35 -6.52
CA LYS A 65 11.91 -3.34 -7.52
C LYS A 65 11.94 -4.69 -8.20
N MET A 66 12.50 -4.73 -9.41
CA MET A 66 12.71 -5.98 -10.12
C MET A 66 14.18 -6.37 -10.08
N ASP A 67 14.46 -7.65 -9.86
CA ASP A 67 15.84 -8.11 -9.99
C ASP A 67 16.29 -8.32 -11.44
N GLU A 68 17.48 -8.88 -11.58
CA GLU A 68 18.05 -9.21 -12.88
C GLU A 68 17.19 -10.24 -13.59
N GLN A 69 16.77 -11.25 -12.85
CA GLN A 69 15.95 -12.32 -13.42
C GLN A 69 14.50 -11.88 -13.70
N GLY A 70 14.15 -10.65 -13.30
CA GLY A 70 12.85 -10.07 -13.61
C GLY A 70 11.77 -10.40 -12.59
N TRP A 71 12.20 -10.83 -11.41
CA TRP A 71 11.28 -11.13 -10.33
C TRP A 71 11.00 -9.84 -9.55
N LEU A 72 9.77 -9.72 -9.05
CA LEU A 72 9.38 -8.52 -8.31
C LEU A 72 9.57 -8.74 -6.82
N MET A 73 10.01 -7.73 -6.08
CA MET A 73 10.24 -7.88 -4.64
C MET A 73 10.25 -6.51 -3.92
N PRO A 74 9.99 -6.53 -2.61
CA PRO A 74 10.02 -5.28 -1.83
C PRO A 74 11.36 -4.58 -1.92
N ASP A 75 11.32 -3.25 -1.95
CA ASP A 75 12.50 -2.40 -1.93
C ASP A 75 12.55 -1.58 -0.61
N THR A 76 12.05 -0.35 -0.66
CA THR A 76 12.09 0.53 0.50
C THR A 76 10.80 0.50 1.35
N THR A 77 10.96 0.52 2.67
CA THR A 77 9.84 0.50 3.59
C THR A 77 9.76 1.77 4.45
N LEU A 78 8.59 2.42 4.46
CA LEU A 78 8.35 3.59 5.31
C LEU A 78 7.16 3.33 6.22
N HIS A 79 7.19 3.92 7.40
CA HIS A 79 6.11 3.71 8.36
C HIS A 79 6.00 4.94 9.25
N PHE A 80 4.79 5.44 9.42
CA PHE A 80 4.52 6.62 10.24
C PHE A 80 3.28 6.47 11.08
N HIS A 81 3.31 7.04 12.27
CA HIS A 81 2.11 7.24 13.06
C HIS A 81 1.65 8.64 12.75
N VAL A 82 0.35 8.82 12.61
CA VAL A 82 -0.18 10.05 12.07
C VAL A 82 -1.07 10.74 13.12
N GLU A 83 -0.90 12.04 13.23
CA GLU A 83 -1.70 12.83 14.16
C GLU A 83 -3.05 13.13 13.52
N PRO A 84 -4.15 12.87 14.25
CA PRO A 84 -5.50 13.14 13.75
C PRO A 84 -5.62 14.56 13.25
N PHE A 85 -6.20 14.78 12.07
CA PHE A 85 -6.33 16.13 11.57
C PHE A 85 -7.32 16.96 12.39
N VAL A 86 -7.23 18.28 12.27
CA VAL A 86 -8.08 19.20 13.02
C VAL A 86 -9.55 18.92 12.78
N GLY A 87 -10.24 18.52 13.86
CA GLY A 87 -11.66 18.25 13.76
C GLY A 87 -12.01 16.84 13.31
N ALA A 88 -11.03 15.96 13.20
CA ALA A 88 -11.32 14.58 12.78
C ALA A 88 -12.24 13.85 13.76
N ASN A 89 -13.11 13.00 13.22
CA ASN A 89 -13.89 12.08 14.04
C ASN A 89 -13.02 10.89 14.42
N LEU A 90 -13.30 10.33 15.61
CA LEU A 90 -12.64 9.09 16.05
C LEU A 90 -13.70 8.07 16.50
N GLN A 91 -14.02 7.10 15.64
CA GLN A 91 -14.95 6.04 16.02
C GLN A 91 -14.35 5.07 17.01
N PRO A 92 -14.99 4.91 18.17
CA PRO A 92 -14.52 3.97 19.19
C PRO A 92 -14.34 2.55 18.67
N GLU A 93 -15.30 2.05 17.88
CA GLU A 93 -15.17 0.70 17.34
C GLU A 93 -13.93 0.56 16.46
N ALA A 94 -13.56 1.62 15.76
CA ALA A 94 -12.34 1.60 14.96
C ALA A 94 -11.11 1.42 15.85
N LEU A 95 -11.04 2.21 16.92
CA LEU A 95 -9.94 2.12 17.87
C LEU A 95 -9.94 0.77 18.58
N ALA A 96 -11.14 0.22 18.79
CA ALA A 96 -11.26 -1.10 19.35
C ALA A 96 -10.64 -2.14 18.42
N PHE A 97 -10.79 -1.91 17.12
CA PHE A 97 -10.34 -2.87 16.11
C PHE A 97 -8.83 -2.84 15.92
N ASN A 98 -8.27 -1.65 15.73
CA ASN A 98 -6.83 -1.52 15.50
C ASN A 98 -5.95 -1.33 16.74
N GLY A 99 -6.58 -1.08 17.90
CA GLY A 99 -5.87 -0.97 19.16
C GLY A 99 -4.98 0.25 19.31
N ILE A 100 -5.21 1.25 18.49
CA ILE A 100 -4.43 2.49 18.53
C ILE A 100 -5.05 3.47 19.52
N ASP A 101 -4.19 4.17 20.27
CA ASP A 101 -4.62 5.24 21.16
C ASP A 101 -4.00 6.56 20.71
N PRO A 102 -4.82 7.45 20.14
CA PRO A 102 -4.35 8.75 19.61
C PRO A 102 -3.99 9.74 20.72
N ASN A 103 -4.24 9.39 21.97
CA ASN A 103 -3.92 10.27 23.10
C ASN A 103 -2.53 10.00 23.66
N ASP A 104 -2.08 8.76 23.49
CA ASP A 104 -0.76 8.34 23.95
C ASP A 104 0.32 9.27 23.42
N PRO A 105 1.00 9.98 24.33
CA PRO A 105 2.05 10.90 23.90
C PRO A 105 3.29 10.15 23.47
N ASP A 106 3.32 8.83 23.64
CA ASP A 106 4.49 8.04 23.28
C ASP A 106 4.45 7.48 21.85
N ARG A 107 3.27 7.52 21.22
CA ARG A 107 3.10 6.87 19.92
C ARG A 107 4.03 7.39 18.81
N GLY A 108 4.40 8.66 18.89
CA GLY A 108 5.38 9.23 17.99
C GLY A 108 4.80 9.82 16.72
N ALA A 109 3.56 10.31 16.82
CA ALA A 109 2.82 10.79 15.66
C ALA A 109 3.41 12.04 15.03
N VAL A 110 3.29 12.12 13.71
CA VAL A 110 3.66 13.31 12.95
C VAL A 110 2.44 13.81 12.20
N SER A 111 2.55 14.97 11.57
CA SER A 111 1.43 15.48 10.81
C SER A 111 1.20 14.65 9.54
N GLU A 112 -0.02 14.72 9.03
CA GLU A 112 -0.35 14.15 7.72
C GLU A 112 0.61 14.71 6.68
N TYR A 113 0.89 16.02 6.79
CA TYR A 113 1.85 16.65 5.89
C TYR A 113 3.22 15.96 5.95
N GLU A 114 3.70 15.70 7.16
CA GLU A 114 5.03 15.12 7.33
C GLU A 114 5.16 13.73 6.74
N ALA A 115 4.26 12.83 7.15
CA ALA A 115 4.28 11.45 6.70
C ALA A 115 4.17 11.39 5.18
N LEU A 116 3.22 12.13 4.62
CA LEU A 116 2.96 12.08 3.19
C LEU A 116 4.04 12.78 2.37
N HIS A 117 4.63 13.84 2.93
CA HIS A 117 5.75 14.51 2.25
C HIS A 117 6.92 13.54 2.10
N GLU A 118 7.20 12.78 3.16
CA GLU A 118 8.27 11.82 3.14
C GLU A 118 7.97 10.70 2.14
N ILE A 119 6.76 10.15 2.22
CA ILE A 119 6.35 9.10 1.30
C ILE A 119 6.44 9.56 -0.14
N PHE A 120 5.94 10.75 -0.43
CA PHE A 120 5.95 11.24 -1.80
C PHE A 120 7.38 11.46 -2.30
N LYS A 121 8.26 11.95 -1.43
CA LYS A 121 9.64 12.16 -1.84
C LYS A 121 10.33 10.84 -2.22
N VAL A 122 10.20 9.84 -1.36
CA VAL A 122 10.78 8.52 -1.65
C VAL A 122 10.19 7.95 -2.92
N VAL A 123 8.90 8.18 -3.14
CA VAL A 123 8.22 7.66 -4.33
C VAL A 123 8.64 8.37 -5.62
N ARG A 124 8.69 9.69 -5.59
CA ARG A 124 9.17 10.44 -6.76
C ARG A 124 10.60 10.02 -7.13
N LYS A 125 11.41 9.69 -6.13
CA LYS A 125 12.78 9.27 -6.37
C LYS A 125 12.81 7.88 -7.02
N GLY A 126 11.89 7.02 -6.62
CA GLY A 126 11.81 5.68 -7.18
C GLY A 126 11.30 5.72 -8.61
N ILE A 127 10.32 6.57 -8.86
CA ILE A 127 9.77 6.78 -10.20
C ILE A 127 10.89 7.19 -11.15
N LYS A 128 11.70 8.16 -10.74
CA LYS A 128 12.81 8.64 -11.57
C LYS A 128 13.85 7.57 -11.83
N ALA A 129 14.35 6.95 -10.76
CA ALA A 129 15.40 5.95 -10.86
C ALA A 129 15.00 4.75 -11.72
N SER A 130 13.71 4.45 -11.76
CA SER A 130 13.23 3.29 -12.53
C SER A 130 12.73 3.69 -13.90
N GLY A 131 12.67 4.99 -14.16
CA GLY A 131 12.17 5.45 -15.44
C GLY A 131 10.67 5.24 -15.64
N CYS A 132 9.92 5.17 -14.54
CA CYS A 132 8.45 5.17 -14.61
C CYS A 132 7.97 6.60 -14.78
N ASN A 133 6.67 6.82 -14.85
CA ASN A 133 6.20 8.20 -14.90
C ASN A 133 5.11 8.55 -13.91
N ARG A 134 4.58 7.56 -13.22
CA ARG A 134 3.52 7.81 -12.25
C ARG A 134 3.49 6.65 -11.28
N ALA A 135 3.06 6.88 -10.04
CA ALA A 135 2.95 5.78 -9.09
C ALA A 135 1.52 5.27 -9.08
N ILE A 136 1.33 4.00 -8.74
CA ILE A 136 -0.01 3.45 -8.59
C ILE A 136 -0.08 2.72 -7.26
N MET A 137 -1.15 2.97 -6.52
CA MET A 137 -1.23 2.37 -5.20
C MET A 137 -1.63 0.91 -5.29
N VAL A 138 -0.85 0.05 -4.64
CA VAL A 138 -1.22 -1.35 -4.44
C VAL A 138 -1.72 -1.46 -3.02
N ALA A 139 -2.91 -2.01 -2.81
CA ALA A 139 -3.49 -2.11 -1.46
C ALA A 139 -4.62 -3.13 -1.47
N HIS A 140 -4.99 -3.62 -0.29
CA HIS A 140 -6.04 -4.64 -0.21
C HIS A 140 -7.40 -4.00 0.01
N ASN A 141 -8.33 -4.24 -0.92
CA ASN A 141 -9.54 -3.44 -1.05
C ASN A 141 -9.08 -2.00 -1.17
N ALA A 142 -8.34 -1.76 -2.26
CA ALA A 142 -7.52 -0.55 -2.43
C ALA A 142 -8.23 0.78 -2.39
N ASN A 143 -9.49 0.83 -2.82
CA ASN A 143 -10.18 2.13 -2.78
C ASN A 143 -10.18 2.74 -1.38
N PHE A 144 -10.13 1.89 -0.36
CA PHE A 144 -10.14 2.35 1.01
C PHE A 144 -8.89 3.17 1.31
N ASP A 145 -7.72 2.54 1.13
CA ASP A 145 -6.46 3.20 1.45
C ASP A 145 -6.23 4.38 0.51
N HIS A 146 -6.64 4.20 -0.74
CA HIS A 146 -6.51 5.29 -1.72
C HIS A 146 -7.31 6.51 -1.30
N SER A 147 -8.58 6.30 -0.92
CA SER A 147 -9.40 7.43 -0.49
C SER A 147 -8.82 8.17 0.73
N PHE A 148 -8.28 7.42 1.69
CA PHE A 148 -7.70 8.05 2.88
C PHE A 148 -6.40 8.82 2.57
N MET A 149 -5.54 8.24 1.76
CA MET A 149 -4.30 8.93 1.39
C MET A 149 -4.58 10.19 0.57
N MET A 150 -5.52 10.09 -0.37
CA MET A 150 -5.89 11.24 -1.19
C MET A 150 -6.55 12.35 -0.37
N ALA A 151 -7.37 11.97 0.60
CA ALA A 151 -8.03 12.95 1.46
C ALA A 151 -7.01 13.68 2.32
N ALA A 152 -6.05 12.93 2.86
CA ALA A 152 -4.99 13.50 3.67
C ALA A 152 -4.07 14.40 2.85
N ALA A 153 -3.84 14.04 1.59
CA ALA A 153 -2.99 14.84 0.72
C ALA A 153 -3.68 16.16 0.37
N GLU A 154 -5.00 16.12 0.18
CA GLU A 154 -5.80 17.30 -0.14
C GLU A 154 -5.87 18.26 1.04
N ARG A 155 -6.05 17.70 2.23
CA ARG A 155 -6.03 18.49 3.45
C ARG A 155 -4.70 19.23 3.60
N ALA A 156 -3.60 18.50 3.45
CA ALA A 156 -2.27 19.07 3.61
C ALA A 156 -1.78 19.85 2.39
N SER A 157 -2.63 19.95 1.37
CA SER A 157 -2.32 20.70 0.15
C SER A 157 -0.99 20.29 -0.51
N LEU A 158 -0.63 19.02 -0.41
CA LEU A 158 0.57 18.52 -1.10
C LEU A 158 0.38 18.65 -2.59
N LYS A 159 1.35 19.30 -3.24
CA LYS A 159 1.30 19.46 -4.68
C LYS A 159 2.10 18.33 -5.33
N ARG A 160 1.87 18.10 -6.62
CA ARG A 160 2.65 17.11 -7.38
C ARG A 160 2.61 15.71 -6.75
N ASN A 161 1.44 15.35 -6.20
CA ASN A 161 1.14 14.00 -5.73
C ASN A 161 1.44 13.00 -6.85
N PRO A 162 2.39 12.08 -6.61
CA PRO A 162 2.84 11.21 -7.70
C PRO A 162 1.87 10.05 -7.98
N PHE A 163 0.90 9.87 -7.10
CA PHE A 163 -0.04 8.75 -7.24
C PHE A 163 -1.16 9.04 -8.22
N HIS A 164 -1.50 8.03 -9.02
CA HIS A 164 -2.63 8.12 -9.93
C HIS A 164 -3.87 8.52 -9.15
N PRO A 165 -4.67 9.46 -9.68
CA PRO A 165 -5.77 10.02 -8.90
C PRO A 165 -7.02 9.13 -8.82
N PHE A 166 -7.10 8.08 -9.63
CA PHE A 166 -8.19 7.11 -9.47
C PHE A 166 -7.87 5.63 -9.68
N ALA A 167 -6.76 5.30 -10.34
CA ALA A 167 -6.42 3.90 -10.61
C ALA A 167 -5.68 3.30 -9.43
N THR A 168 -5.93 2.02 -9.17
CA THR A 168 -5.23 1.32 -8.10
C THR A 168 -5.00 -0.10 -8.56
N PHE A 169 -4.08 -0.80 -7.89
CA PHE A 169 -3.95 -2.24 -8.02
C PHE A 169 -4.49 -2.91 -6.74
N ASP A 170 -5.74 -3.38 -6.79
CA ASP A 170 -6.37 -3.98 -5.64
C ASP A 170 -5.96 -5.45 -5.45
N THR A 171 -5.27 -5.78 -4.36
CA THR A 171 -4.80 -7.17 -4.18
C THR A 171 -5.94 -8.16 -3.87
N ALA A 172 -7.10 -7.66 -3.44
CA ALA A 172 -8.27 -8.51 -3.23
C ALA A 172 -8.76 -9.08 -4.56
N ALA A 173 -8.87 -8.20 -5.56
CA ALA A 173 -9.20 -8.65 -6.91
C ALA A 173 -8.09 -9.54 -7.49
N LEU A 174 -6.84 -9.15 -7.32
CA LEU A 174 -5.74 -9.96 -7.88
C LEU A 174 -5.69 -11.35 -7.24
N ALA A 175 -5.97 -11.41 -5.94
CA ALA A 175 -5.96 -12.69 -5.21
C ALA A 175 -7.16 -13.52 -5.64
N GLY A 176 -8.26 -12.87 -5.94
CA GLY A 176 -9.43 -13.58 -6.44
C GLY A 176 -9.10 -14.33 -7.72
N LEU A 177 -8.41 -13.65 -8.63
CA LEU A 177 -7.96 -14.27 -9.87
C LEU A 177 -6.91 -15.35 -9.60
N ALA A 178 -5.85 -14.99 -8.86
CA ALA A 178 -4.72 -15.90 -8.77
C ALA A 178 -4.96 -17.07 -7.82
N LEU A 179 -5.72 -16.84 -6.76
CA LEU A 179 -5.76 -17.76 -5.64
C LEU A 179 -7.18 -18.19 -5.26
N GLY A 180 -8.17 -17.58 -5.87
CA GLY A 180 -9.55 -17.89 -5.56
C GLY A 180 -9.99 -17.46 -4.17
N GLN A 181 -9.28 -16.50 -3.59
CA GLN A 181 -9.59 -15.98 -2.25
C GLN A 181 -9.49 -14.46 -2.26
N THR A 182 -10.34 -13.79 -1.49
CA THR A 182 -10.32 -12.32 -1.47
C THR A 182 -10.00 -11.72 -0.10
N VAL A 183 -10.10 -12.54 0.94
CA VAL A 183 -9.75 -12.08 2.28
C VAL A 183 -8.25 -12.12 2.48
N LEU A 184 -7.67 -11.04 3.01
CA LEU A 184 -6.22 -10.90 3.01
C LEU A 184 -5.50 -12.08 3.67
N SER A 185 -5.93 -12.44 4.87
CA SER A 185 -5.24 -13.49 5.60
C SER A 185 -5.30 -14.81 4.84
N LYS A 186 -6.46 -15.12 4.27
CA LYS A 186 -6.68 -16.37 3.56
C LYS A 186 -5.89 -16.43 2.27
N ALA A 187 -5.89 -15.32 1.53
CA ALA A 187 -5.10 -15.22 0.32
C ALA A 187 -3.63 -15.47 0.62
N CYS A 188 -3.11 -14.85 1.68
CA CYS A 188 -1.70 -15.09 2.01
C CYS A 188 -1.40 -16.56 2.31
N GLN A 189 -2.24 -17.15 3.16
CA GLN A 189 -2.10 -18.54 3.50
C GLN A 189 -2.26 -19.45 2.28
N THR A 190 -3.18 -19.10 1.40
CA THR A 190 -3.35 -19.88 0.18
C THR A 190 -2.14 -19.78 -0.74
N ALA A 191 -1.47 -18.64 -0.70
CA ALA A 191 -0.29 -18.44 -1.52
C ALA A 191 0.95 -19.12 -0.95
N GLY A 192 0.80 -19.79 0.19
CA GLY A 192 1.94 -20.44 0.83
C GLY A 192 2.74 -19.51 1.72
N MET A 193 2.16 -18.37 2.06
CA MET A 193 2.80 -17.40 2.95
C MET A 193 2.40 -17.60 4.41
N ASP A 194 3.25 -17.15 5.33
CA ASP A 194 2.85 -17.00 6.72
C ASP A 194 1.99 -15.74 6.85
N PHE A 195 0.98 -15.79 7.71
CA PHE A 195 0.20 -14.60 8.06
C PHE A 195 -0.28 -14.72 9.50
N ASP A 196 0.03 -13.74 10.34
CA ASP A 196 -0.22 -13.83 11.78
C ASP A 196 -1.41 -12.99 12.23
N SER A 197 -2.29 -13.61 13.02
CA SER A 197 -3.48 -12.95 13.54
C SER A 197 -3.13 -11.89 14.58
N THR A 198 -2.23 -12.25 15.48
CA THR A 198 -1.85 -11.36 16.58
C THR A 198 -1.03 -10.17 16.09
N GLN A 199 -0.56 -10.24 14.85
CA GLN A 199 0.19 -9.14 14.25
C GLN A 199 -0.65 -8.41 13.20
N ALA A 200 -1.75 -9.04 12.82
CA ALA A 200 -2.72 -8.42 11.94
C ALA A 200 -3.17 -7.12 12.59
N HIS A 201 -3.63 -6.18 11.76
CA HIS A 201 -4.24 -4.94 12.24
C HIS A 201 -3.20 -3.99 12.82
N SER A 202 -2.05 -3.98 12.17
CA SER A 202 -1.02 -2.96 12.35
C SER A 202 -0.42 -2.65 10.96
N ALA A 203 -0.21 -1.37 10.66
CA ALA A 203 0.12 -0.96 9.29
C ALA A 203 1.37 -1.63 8.75
N LEU A 204 2.43 -1.61 9.54
CA LEU A 204 3.70 -2.16 9.08
C LEU A 204 3.60 -3.61 8.64
N TYR A 205 3.05 -4.47 9.50
CA TYR A 205 2.91 -5.88 9.20
C TYR A 205 1.95 -6.07 8.02
N ASP A 206 0.82 -5.38 8.06
CA ASP A 206 -0.17 -5.44 6.98
C ASP A 206 0.43 -5.12 5.63
N THR A 207 1.16 -3.99 5.54
CA THR A 207 1.78 -3.57 4.29
C THR A 207 2.80 -4.59 3.77
N GLU A 208 3.60 -5.15 4.68
CA GLU A 208 4.62 -6.10 4.25
C GLU A 208 4.00 -7.39 3.69
N ARG A 209 2.96 -7.88 4.34
CA ARG A 209 2.34 -9.11 3.87
C ARG A 209 1.65 -8.82 2.54
N THR A 210 1.05 -7.64 2.45
CA THR A 210 0.40 -7.25 1.21
C THR A 210 1.40 -7.15 0.06
N ALA A 211 2.54 -6.50 0.31
CA ALA A 211 3.63 -6.43 -0.66
C ALA A 211 4.13 -7.81 -1.07
N VAL A 212 4.31 -8.71 -0.13
CA VAL A 212 4.78 -10.05 -0.48
C VAL A 212 3.71 -10.84 -1.25
N LEU A 213 2.45 -10.60 -0.94
CA LEU A 213 1.36 -11.23 -1.67
C LEU A 213 1.32 -10.75 -3.13
N PHE A 214 1.36 -9.43 -3.32
CA PHE A 214 1.39 -8.85 -4.66
C PHE A 214 2.55 -9.40 -5.48
N CYS A 215 3.75 -9.38 -4.90
CA CYS A 215 4.94 -9.86 -5.61
C CYS A 215 4.81 -11.31 -6.00
N GLU A 216 4.28 -12.12 -5.11
CA GLU A 216 4.12 -13.54 -5.41
C GLU A 216 3.09 -13.73 -6.53
N ILE A 217 2.02 -12.94 -6.52
CA ILE A 217 1.06 -13.00 -7.63
C ILE A 217 1.69 -12.64 -8.97
N VAL A 218 2.42 -11.53 -9.00
CA VAL A 218 3.10 -11.11 -10.24
C VAL A 218 4.14 -12.16 -10.62
N ASN A 219 4.89 -12.62 -9.64
CA ASN A 219 5.95 -13.61 -9.92
C ASN A 219 5.40 -14.94 -10.38
N ARG A 220 4.29 -15.39 -9.80
CA ARG A 220 3.73 -16.65 -10.25
C ARG A 220 3.23 -16.56 -11.69
N TRP A 221 2.69 -15.40 -12.08
CA TRP A 221 2.18 -15.23 -13.44
C TRP A 221 3.33 -15.36 -14.43
N LYS A 222 4.49 -14.87 -14.03
CA LYS A 222 5.70 -14.95 -14.82
C LYS A 222 6.25 -16.36 -14.88
N ARG A 223 6.30 -17.04 -13.74
CA ARG A 223 6.73 -18.44 -13.71
C ARG A 223 5.88 -19.32 -14.62
N LEU A 224 4.60 -19.02 -14.73
CA LEU A 224 3.71 -19.88 -15.50
C LEU A 224 3.75 -19.53 -16.98
N GLY A 225 4.59 -18.57 -17.32
CA GLY A 225 4.80 -18.17 -18.70
C GLY A 225 3.78 -17.18 -19.23
N GLY A 226 3.05 -16.52 -18.33
CA GLY A 226 2.06 -15.56 -18.75
C GLY A 226 2.68 -14.21 -19.06
N TRP A 227 3.91 -14.02 -18.61
CA TRP A 227 4.61 -12.77 -18.85
C TRP A 227 6.07 -13.10 -19.06
N PRO A 228 6.75 -12.45 -20.03
CA PRO A 228 6.24 -11.51 -21.04
C PRO A 228 5.18 -12.11 -21.96
N LEU A 229 4.43 -11.26 -22.64
CA LEU A 229 3.35 -11.69 -23.53
C LEU A 229 3.85 -12.59 -24.67
N SER A 230 5.12 -12.44 -25.01
CA SER A 230 5.72 -13.30 -26.03
C SER A 230 6.16 -14.69 -25.52
N ALA A 231 6.26 -14.83 -24.20
CA ALA A 231 6.86 -16.02 -23.59
C ALA A 231 6.16 -17.36 -23.89
N ALA A 232 4.83 -17.34 -23.95
CA ALA A 232 4.06 -18.58 -24.12
C ALA A 232 4.44 -19.27 -25.42
N GLU A 233 4.62 -18.47 -26.46
CA GLU A 233 4.88 -18.98 -27.81
C GLU A 233 6.37 -19.21 -28.06
#